data_6J00
#
_entry.id   6J00
#
_cell.length_a   161.520
_cell.length_b   177.360
_cell.length_c   58.010
_cell.angle_alpha   90.000
_cell.angle_beta   90.000
_cell.angle_gamma   90.000
#
_symmetry.space_group_name_H-M   'C 2 2 21'
#
loop_
_entity.id
_entity.type
_entity.pdbx_description
1 polymer 'Genome polyprotein'
2 non-polymer 'ZINC ION'
3 water water
#
_entity_poly.entity_id   1
_entity_poly.type   'polypeptide(L)'
_entity_poly.pdbx_seq_one_letter_code
;TIEKDVDLGAGTRHVNAEPETPNMDVIGERIRRIKEEHSSTWHYDDENPYKTWAYHGSYEVKATGSASSMINGVVKLLTK
PWDVVPTVTQMAMTDTTPFGQQRVFKEKVDTRTPKPMPGTRKVMEITAGWLWRTLGRNKRPRLCTREEFTKKVRTNAAMG
AVFTEENQWDSARAAVEDEEFWKLVDRERELHKQGKCGSCVYNMMGKREKKLGEFGKAKGSRAIWYMWLGARYLEFEALG
FLNEDHWFSRENSYSGVEGEGLHKLGYILRDISKIPGGAMYADDTAGWDTRITEDDLHNEEKITQQMDPEHRQLANAIFK
LTYQNKVVKVQRPTPKGTVMDIISRKDQRGSGQVGTYGLNTFTNMEAQLIRQMEGEGVLSKTDLENPHLLEKKITQWLET
KGVERLKRMAISGDDCVVKPIDDRFANALLALNDMGKVRKDIPQWQPSKGWHDWQQVPFCSHHFHELIMKDGRKLVVPCR
PQDELIGRARISQGAGWSLKETACLGKAYAQMWALMYFHRRDLRLASNAICSAVPVHWVPTSRTTWSIHAHHQWMTTEDM
LTVWNRVWIEDNPWMEDKTPVTTWEDVPYLGKREDQWCGSLIGLTSRATWAQNILTAIQQVRSLIGNEEFLDYMPSMKRF
RKEEESE
;
_entity_poly.pdbx_strand_id   A
#
loop_
_chem_comp.id
_chem_comp.type
_chem_comp.name
_chem_comp.formula
ZN non-polymer 'ZINC ION' 'Zn 2'
#
# COMPACT_ATOMS: atom_id res chain seq x y z
N ASN A 23 5.32 0.79 -30.50
CA ASN A 23 6.39 1.55 -29.86
C ASN A 23 6.20 3.05 -30.10
N MET A 24 6.87 3.58 -31.13
CA MET A 24 6.75 5.00 -31.43
C MET A 24 5.37 5.37 -31.96
N ASP A 25 4.59 4.39 -32.41
CA ASP A 25 3.23 4.68 -32.88
C ASP A 25 2.29 4.99 -31.72
N VAL A 26 2.59 4.47 -30.53
CA VAL A 26 1.74 4.67 -29.36
C VAL A 26 2.24 5.82 -28.49
N ILE A 27 3.55 5.95 -28.32
CA ILE A 27 4.13 6.96 -27.45
C ILE A 27 4.70 8.15 -28.20
N GLY A 28 4.60 8.16 -29.53
CA GLY A 28 5.25 9.22 -30.30
C GLY A 28 4.67 10.60 -30.02
N GLU A 29 3.34 10.70 -29.97
CA GLU A 29 2.70 12.00 -29.75
C GLU A 29 3.06 12.56 -28.38
N ARG A 30 3.14 11.70 -27.37
CA ARG A 30 3.49 12.18 -26.03
C ARG A 30 4.90 12.75 -25.99
N ILE A 31 5.86 12.07 -26.63
CA ILE A 31 7.22 12.56 -26.66
C ILE A 31 7.32 13.85 -27.48
N ARG A 32 6.55 13.93 -28.56
CA ARG A 32 6.56 15.14 -29.39
C ARG A 32 6.12 16.36 -28.60
N ARG A 33 5.01 16.25 -27.87
CA ARG A 33 4.51 17.39 -27.11
C ARG A 33 5.44 17.77 -25.97
N ILE A 34 6.11 16.79 -25.35
CA ILE A 34 7.10 17.10 -24.33
C ILE A 34 8.32 17.77 -24.97
N LYS A 35 8.71 17.30 -26.16
CA LYS A 35 9.87 17.88 -26.83
C LYS A 35 9.58 19.30 -27.30
N GLU A 36 8.40 19.55 -27.85
CA GLU A 36 8.09 20.87 -28.37
C GLU A 36 7.84 21.87 -27.24
N GLU A 37 7.36 21.41 -26.09
CA GLU A 37 7.16 22.31 -24.96
C GLU A 37 8.48 22.67 -24.31
N HIS A 38 9.50 21.81 -24.43
CA HIS A 38 10.85 22.14 -24.02
C HIS A 38 11.81 22.02 -25.19
N SER A 39 11.48 22.63 -26.33
CA SER A 39 12.38 22.57 -27.47
C SER A 39 13.69 23.30 -27.17
N SER A 40 13.63 24.37 -26.40
CA SER A 40 14.84 24.90 -25.78
C SER A 40 15.30 23.96 -24.69
N THR A 41 16.63 23.83 -24.55
CA THR A 41 17.25 22.91 -23.59
C THR A 41 16.88 21.45 -23.88
N TRP A 42 16.74 21.10 -25.16
CA TRP A 42 16.47 19.72 -25.57
C TRP A 42 17.72 19.13 -26.21
N HIS A 43 18.05 17.90 -25.84
CA HIS A 43 19.28 17.26 -26.30
C HIS A 43 19.22 15.77 -26.02
N TYR A 44 20.04 15.01 -26.71
CA TYR A 44 20.18 13.58 -26.47
C TYR A 44 21.50 13.36 -25.73
N ASP A 45 21.40 13.12 -24.42
CA ASP A 45 22.58 12.77 -23.64
C ASP A 45 23.08 11.40 -24.10
N ASP A 46 24.20 11.39 -24.82
CA ASP A 46 24.73 10.14 -25.37
C ASP A 46 25.14 9.16 -24.28
N GLU A 47 25.30 9.61 -23.05
CA GLU A 47 25.72 8.74 -21.96
C GLU A 47 24.64 8.63 -20.89
N ASN A 48 23.41 8.30 -21.31
CA ASN A 48 22.31 8.15 -20.36
C ASN A 48 22.45 6.82 -19.61
N PRO A 49 22.06 6.79 -18.33
CA PRO A 49 22.32 5.61 -17.51
C PRO A 49 21.20 4.58 -17.54
N TYR A 50 20.42 4.54 -18.62
CA TYR A 50 19.27 3.64 -18.71
C TYR A 50 19.61 2.45 -19.59
N LYS A 51 19.39 1.25 -19.05
CA LYS A 51 19.77 0.00 -19.69
C LYS A 51 18.58 -0.78 -20.25
N THR A 52 17.48 -0.89 -19.49
CA THR A 52 16.31 -1.61 -19.95
C THR A 52 15.18 -0.69 -20.41
N TRP A 53 15.22 0.59 -20.05
CA TRP A 53 14.26 1.56 -20.54
C TRP A 53 14.76 2.17 -21.85
N ALA A 54 13.81 2.46 -22.74
CA ALA A 54 14.14 3.14 -23.99
C ALA A 54 14.26 4.64 -23.73
N TYR A 55 15.44 5.19 -23.99
CA TYR A 55 15.71 6.59 -23.74
C TYR A 55 15.38 7.43 -24.97
N HIS A 56 14.85 8.64 -24.74
CA HIS A 56 14.39 9.50 -25.83
C HIS A 56 15.04 10.88 -25.79
N GLY A 57 15.11 11.52 -24.62
CA GLY A 57 15.68 12.85 -24.54
C GLY A 57 15.70 13.33 -23.10
N SER A 58 16.10 14.59 -22.95
CA SER A 58 16.25 15.19 -21.62
C SER A 58 16.05 16.69 -21.71
N TYR A 59 15.68 17.29 -20.59
CA TYR A 59 15.62 18.75 -20.49
C TYR A 59 15.86 19.13 -19.04
N GLU A 60 16.10 20.41 -18.81
CA GLU A 60 16.55 20.87 -17.50
C GLU A 60 15.42 21.54 -16.74
N VAL A 61 15.38 21.29 -15.43
CA VAL A 61 14.41 21.85 -14.51
C VAL A 61 15.09 22.01 -13.15
N LYS A 62 14.39 22.65 -12.20
CA LYS A 62 14.91 22.85 -10.86
C LYS A 62 14.67 21.59 -10.03
N ALA A 63 15.64 21.28 -9.16
CA ALA A 63 15.56 20.08 -8.33
C ALA A 63 14.30 20.12 -7.46
N THR A 64 13.77 18.95 -7.14
CA THR A 64 12.62 18.89 -6.26
C THR A 64 12.81 17.83 -5.19
N GLY A 65 12.52 18.19 -3.94
CA GLY A 65 12.61 17.29 -2.82
C GLY A 65 13.57 17.80 -1.77
N SER A 66 13.93 16.90 -0.86
CA SER A 66 14.82 17.22 0.24
C SER A 66 15.42 15.92 0.77
N ALA A 67 16.56 16.05 1.44
CA ALA A 67 17.25 14.90 2.02
C ALA A 67 16.79 14.60 3.44
N SER A 68 16.06 15.50 4.08
CA SER A 68 15.56 15.30 5.43
C SER A 68 14.13 15.80 5.51
N SER A 69 13.45 15.42 6.58
CA SER A 69 12.06 15.80 6.81
C SER A 69 11.94 16.55 8.12
N MET A 70 10.91 17.38 8.23
CA MET A 70 10.75 18.17 9.44
C MET A 70 10.32 17.29 10.60
N ILE A 71 10.84 17.59 11.77
CA ILE A 71 10.49 16.88 13.00
C ILE A 71 9.27 17.55 13.62
N ASN A 72 8.30 16.74 14.02
CA ASN A 72 7.15 17.24 14.78
C ASN A 72 7.61 17.52 16.20
N GLY A 73 7.75 18.80 16.54
CA GLY A 73 8.29 19.17 17.83
C GLY A 73 7.41 18.78 19.00
N VAL A 74 6.10 18.68 18.78
CA VAL A 74 5.18 18.39 19.87
C VAL A 74 5.37 16.97 20.38
N VAL A 75 5.33 15.99 19.48
CA VAL A 75 5.49 14.61 19.91
C VAL A 75 6.96 14.31 20.23
N LYS A 76 7.89 15.03 19.60
CA LYS A 76 9.29 14.88 19.96
C LYS A 76 9.54 15.26 21.41
N LEU A 77 8.98 16.39 21.85
CA LEU A 77 9.18 16.83 23.22
C LEU A 77 8.45 15.95 24.23
N LEU A 78 7.47 15.18 23.79
CA LEU A 78 6.75 14.25 24.66
C LEU A 78 7.29 12.83 24.57
N THR A 79 8.30 12.58 23.74
CA THR A 79 8.92 11.26 23.58
C THR A 79 10.44 11.39 23.68
N LYS A 80 10.89 11.93 24.81
CA LYS A 80 12.33 12.16 24.99
C LYS A 80 13.17 10.89 25.02
N PRO A 81 12.78 9.80 25.66
CA PRO A 81 13.63 8.60 25.66
C PRO A 81 13.94 8.08 24.27
N TRP A 82 13.14 8.41 23.27
CA TRP A 82 13.36 7.93 21.91
C TRP A 82 14.15 8.92 21.06
N ASP A 83 14.57 10.05 21.63
CA ASP A 83 15.61 10.84 20.98
C ASP A 83 16.89 10.03 20.82
N VAL A 84 17.17 9.15 21.78
CA VAL A 84 18.30 8.24 21.71
C VAL A 84 17.72 6.88 21.30
N VAL A 85 17.34 6.76 20.04
CA VAL A 85 16.92 5.50 19.42
C VAL A 85 17.30 5.57 17.94
N PRO A 86 18.03 4.58 17.42
CA PRO A 86 18.49 4.67 16.03
C PRO A 86 17.39 4.52 15.01
N THR A 87 16.42 3.63 15.24
CA THR A 87 15.31 3.47 14.30
C THR A 87 14.51 4.76 14.15
N VAL A 88 14.41 5.55 15.22
CA VAL A 88 13.69 6.82 15.15
C VAL A 88 14.50 7.85 14.37
N THR A 89 15.81 7.93 14.65
CA THR A 89 16.65 8.94 14.00
C THR A 89 16.75 8.69 12.50
N GLN A 90 16.74 7.42 12.07
CA GLN A 90 16.87 7.12 10.64
C GLN A 90 15.66 7.61 9.85
N MET A 91 14.46 7.49 10.42
CA MET A 91 13.22 7.85 9.73
C MET A 91 13.08 9.36 9.48
N ALA A 92 14.09 10.17 9.78
CA ALA A 92 14.08 11.60 9.47
C ALA A 92 15.09 11.96 8.40
N MET A 93 15.48 10.99 7.56
CA MET A 93 16.53 11.20 6.57
C MET A 93 16.15 10.67 5.19
N THR A 94 14.86 10.54 4.91
CA THR A 94 14.45 10.03 3.60
C THR A 94 14.86 11.01 2.49
N ASP A 95 15.17 10.47 1.33
CA ASP A 95 15.72 11.24 0.22
C ASP A 95 14.82 11.09 -1.00
N THR A 96 14.16 12.18 -1.38
CA THR A 96 13.35 12.25 -2.59
C THR A 96 14.01 13.12 -3.66
N THR A 97 15.25 13.55 -3.43
CA THR A 97 15.95 14.41 -4.37
C THR A 97 16.22 13.67 -5.68
N PRO A 98 16.55 14.40 -6.75
CA PRO A 98 16.89 13.73 -8.01
C PRO A 98 18.02 12.71 -7.90
N PHE A 99 18.94 12.88 -6.95
CA PHE A 99 19.94 11.84 -6.73
C PHE A 99 19.28 10.59 -6.15
N GLY A 100 18.58 10.75 -5.01
CA GLY A 100 17.71 9.70 -4.48
C GLY A 100 16.77 9.10 -5.48
N GLN A 101 16.33 9.89 -6.46
CA GLN A 101 15.49 9.38 -7.54
C GLN A 101 16.27 8.44 -8.45
N GLN A 102 17.58 8.66 -8.59
CA GLN A 102 18.39 7.86 -9.51
C GLN A 102 18.95 6.59 -8.89
N ARG A 103 19.23 6.56 -7.58
CA ARG A 103 19.79 5.34 -6.97
C ARG A 103 18.72 4.26 -6.86
N VAL A 104 17.48 4.65 -6.57
CA VAL A 104 16.40 3.68 -6.54
C VAL A 104 16.13 3.15 -7.94
N PHE A 105 16.55 3.88 -8.97
CA PHE A 105 16.37 3.42 -10.34
C PHE A 105 17.36 2.31 -10.70
N LYS A 106 18.56 2.35 -10.11
CA LYS A 106 19.57 1.34 -10.38
C LYS A 106 19.25 0.01 -9.72
N GLU A 107 18.63 0.04 -8.53
CA GLU A 107 18.46 -1.17 -7.73
C GLU A 107 17.64 -2.22 -8.48
N LYS A 108 16.40 -1.88 -8.83
CA LYS A 108 15.52 -2.86 -9.44
C LYS A 108 14.62 -2.32 -10.54
N VAL A 109 14.50 -1.00 -10.71
CA VAL A 109 13.62 -0.47 -11.74
C VAL A 109 14.23 -0.66 -13.13
N ASP A 110 15.54 -0.47 -13.26
CA ASP A 110 16.23 -0.61 -14.53
C ASP A 110 16.69 -2.05 -14.77
N THR A 111 15.76 -2.99 -14.65
CA THR A 111 16.02 -4.40 -14.90
C THR A 111 14.98 -4.95 -15.85
N ARG A 112 15.21 -6.18 -16.32
CA ARG A 112 14.28 -6.90 -17.17
C ARG A 112 13.96 -8.24 -16.52
N THR A 113 12.69 -8.57 -16.49
CA THR A 113 12.26 -9.85 -15.92
C THR A 113 12.19 -10.90 -17.01
N PRO A 114 12.84 -12.05 -16.84
CA PRO A 114 12.85 -13.06 -17.91
C PRO A 114 11.44 -13.55 -18.23
N LYS A 115 11.22 -13.84 -19.50
CA LYS A 115 9.89 -14.25 -19.96
C LYS A 115 9.55 -15.61 -19.39
N PRO A 116 8.37 -15.78 -18.80
CA PRO A 116 7.99 -17.09 -18.26
C PRO A 116 7.94 -18.15 -19.35
N MET A 117 8.03 -19.40 -18.93
CA MET A 117 8.03 -20.52 -19.86
C MET A 117 6.62 -20.73 -20.42
N PRO A 118 6.52 -21.41 -21.57
CA PRO A 118 5.21 -21.47 -22.25
C PRO A 118 4.12 -22.14 -21.42
N GLY A 119 4.43 -23.20 -20.68
CA GLY A 119 3.43 -23.80 -19.82
C GLY A 119 3.01 -22.88 -18.70
N THR A 120 3.96 -22.14 -18.13
CA THR A 120 3.63 -21.16 -17.10
C THR A 120 2.69 -20.09 -17.63
N ARG A 121 2.88 -19.67 -18.88
CA ARG A 121 2.02 -18.64 -19.45
C ARG A 121 0.59 -19.13 -19.66
N LYS A 122 0.43 -20.42 -19.96
CA LYS A 122 -0.91 -20.97 -20.14
C LYS A 122 -1.67 -21.04 -18.83
N VAL A 123 -1.03 -21.60 -17.78
CA VAL A 123 -1.71 -21.72 -16.49
C VAL A 123 -2.06 -20.34 -15.93
N MET A 124 -1.19 -19.36 -16.16
CA MET A 124 -1.53 -17.99 -15.76
C MET A 124 -2.76 -17.49 -16.51
N GLU A 125 -2.82 -17.73 -17.82
CA GLU A 125 -3.96 -17.27 -18.61
C GLU A 125 -5.25 -18.00 -18.20
N ILE A 126 -5.16 -19.30 -17.95
CA ILE A 126 -6.33 -20.05 -17.49
C ILE A 126 -6.79 -19.52 -16.13
N THR A 127 -5.84 -19.34 -15.20
CA THR A 127 -6.20 -18.91 -13.86
C THR A 127 -6.72 -17.47 -13.85
N ALA A 128 -6.16 -16.60 -14.70
CA ALA A 128 -6.59 -15.21 -14.72
C ALA A 128 -8.03 -15.08 -15.20
N GLY A 129 -8.38 -15.80 -16.28
CA GLY A 129 -9.74 -15.76 -16.77
C GLY A 129 -10.73 -16.32 -15.77
N TRP A 130 -10.39 -17.45 -15.14
CA TRP A 130 -11.26 -18.01 -14.11
C TRP A 130 -11.40 -17.05 -12.93
N LEU A 131 -10.30 -16.36 -12.57
CA LEU A 131 -10.36 -15.44 -11.44
C LEU A 131 -11.22 -14.22 -11.77
N TRP A 132 -11.12 -13.71 -13.02
CA TRP A 132 -11.93 -12.57 -13.40
C TRP A 132 -13.42 -12.92 -13.40
N ARG A 133 -13.77 -14.12 -13.87
CA ARG A 133 -15.17 -14.54 -13.83
C ARG A 133 -15.68 -14.64 -12.40
N THR A 134 -14.84 -15.17 -11.50
CA THR A 134 -15.24 -15.29 -10.09
C THR A 134 -15.40 -13.91 -9.46
N LEU A 135 -14.47 -13.00 -9.73
CA LEU A 135 -14.56 -11.66 -9.17
C LEU A 135 -15.77 -10.90 -9.69
N GLY A 136 -16.20 -11.19 -10.92
CA GLY A 136 -17.33 -10.49 -11.50
C GLY A 136 -18.62 -11.29 -11.52
N ARG A 137 -18.77 -12.21 -10.57
CA ARG A 137 -19.98 -13.04 -10.55
C ARG A 137 -21.20 -12.26 -10.12
N ASN A 138 -21.03 -11.27 -9.24
CA ASN A 138 -22.11 -10.42 -8.75
C ASN A 138 -22.03 -8.99 -9.25
N LYS A 139 -20.83 -8.42 -9.33
CA LYS A 139 -20.65 -7.04 -9.73
C LYS A 139 -20.40 -6.94 -11.24
N ARG A 140 -20.83 -5.82 -11.81
CA ARG A 140 -20.54 -5.49 -13.19
C ARG A 140 -19.63 -4.27 -13.24
N PRO A 141 -18.61 -4.28 -14.09
CA PRO A 141 -17.75 -3.10 -14.20
C PRO A 141 -18.53 -1.89 -14.66
N ARG A 142 -18.05 -0.70 -14.28
CA ARG A 142 -18.72 0.54 -14.60
C ARG A 142 -17.68 1.66 -14.72
N LEU A 143 -18.05 2.68 -15.49
CA LEU A 143 -17.24 3.89 -15.55
C LEU A 143 -17.38 4.69 -14.27
N CYS A 144 -16.29 5.34 -13.87
CA CYS A 144 -16.32 6.28 -12.77
C CYS A 144 -16.43 7.70 -13.32
N THR A 145 -16.91 8.61 -12.47
CA THR A 145 -17.40 9.91 -12.92
C THR A 145 -16.53 11.04 -12.42
N ARG A 146 -16.67 12.19 -13.10
CA ARG A 146 -16.03 13.42 -12.65
C ARG A 146 -16.53 13.83 -11.26
N GLU A 147 -17.81 13.60 -10.98
CA GLU A 147 -18.36 13.92 -9.67
C GLU A 147 -17.75 13.05 -8.57
N GLU A 148 -17.45 11.79 -8.88
CA GLU A 148 -16.75 10.95 -7.92
C GLU A 148 -15.33 11.45 -7.67
N PHE A 149 -14.59 11.68 -8.76
CA PHE A 149 -13.21 12.18 -8.64
C PHE A 149 -13.16 13.50 -7.90
N THR A 150 -14.12 14.39 -8.19
CA THR A 150 -14.15 15.69 -7.51
C THR A 150 -14.45 15.53 -6.02
N LYS A 151 -15.35 14.60 -5.67
CA LYS A 151 -15.68 14.40 -4.27
C LYS A 151 -14.53 13.77 -3.50
N LYS A 152 -13.76 12.89 -4.15
CA LYS A 152 -12.71 12.17 -3.42
C LYS A 152 -11.53 13.06 -3.07
N VAL A 153 -11.24 14.06 -3.90
CA VAL A 153 -10.16 14.99 -3.57
C VAL A 153 -10.53 15.90 -2.39
N ARG A 154 -11.78 15.85 -1.93
CA ARG A 154 -12.24 16.61 -0.77
C ARG A 154 -12.00 18.11 -0.95
N ASP A 170 1.21 20.46 -17.09
CA ASP A 170 1.29 21.05 -15.75
C ASP A 170 1.02 20.00 -14.67
N SER A 171 0.81 20.47 -13.45
CA SER A 171 0.34 19.65 -12.34
C SER A 171 -0.75 20.41 -11.60
N ALA A 172 -1.47 19.71 -10.73
CA ALA A 172 -2.78 20.18 -10.30
C ALA A 172 -2.99 19.88 -8.81
N ARG A 173 -3.87 20.67 -8.20
CA ARG A 173 -4.20 20.58 -6.78
C ARG A 173 -5.72 20.53 -6.61
N ALA A 174 -6.26 21.40 -5.77
CA ALA A 174 -7.69 21.48 -5.49
C ALA A 174 -8.30 22.79 -5.98
N ALA A 175 -7.64 23.48 -6.89
CA ALA A 175 -8.25 24.55 -7.64
C ALA A 175 -8.66 24.10 -9.03
N VAL A 176 -8.49 22.81 -9.32
CA VAL A 176 -8.55 22.36 -10.69
C VAL A 176 -9.91 21.73 -10.99
N GLU A 177 -10.49 21.03 -10.01
CA GLU A 177 -11.80 20.44 -10.24
C GLU A 177 -12.88 21.51 -10.28
N ASP A 178 -12.71 22.60 -9.52
CA ASP A 178 -13.57 23.75 -9.65
C ASP A 178 -13.26 24.55 -10.91
N GLU A 179 -12.06 24.41 -11.45
CA GLU A 179 -11.74 24.96 -12.75
C GLU A 179 -12.30 24.06 -13.84
N GLU A 180 -12.66 24.68 -14.97
CA GLU A 180 -13.13 23.90 -16.10
C GLU A 180 -11.96 23.29 -16.86
N PHE A 181 -11.03 22.66 -16.13
CA PHE A 181 -9.95 21.90 -16.74
C PHE A 181 -10.43 20.59 -17.33
N TRP A 182 -11.71 20.25 -17.12
CA TRP A 182 -12.30 19.06 -17.71
C TRP A 182 -12.41 19.15 -19.23
N LYS A 183 -12.24 20.34 -19.80
CA LYS A 183 -12.11 20.44 -21.25
C LYS A 183 -10.84 19.78 -21.74
N LEU A 184 -9.75 19.91 -20.97
CA LEU A 184 -8.54 19.15 -21.27
C LEU A 184 -8.80 17.66 -21.18
N VAL A 185 -9.50 17.23 -20.14
CA VAL A 185 -9.81 15.82 -19.96
C VAL A 185 -10.66 15.31 -21.12
N ASP A 186 -11.65 16.08 -21.54
CA ASP A 186 -12.51 15.68 -22.64
C ASP A 186 -11.71 15.50 -23.94
N ARG A 187 -10.75 16.40 -24.18
CA ARG A 187 -9.98 16.32 -25.42
C ARG A 187 -9.03 15.13 -25.41
N GLU A 188 -8.46 14.81 -24.25
CA GLU A 188 -7.59 13.63 -24.16
C GLU A 188 -8.41 12.34 -24.27
N ARG A 189 -9.62 12.34 -23.72
CA ARG A 189 -10.47 11.17 -23.84
C ARG A 189 -10.85 10.90 -25.30
N GLU A 190 -11.08 11.97 -26.07
CA GLU A 190 -11.37 11.79 -27.49
C GLU A 190 -10.19 11.17 -28.22
N LEU A 191 -8.97 11.49 -27.78
CA LEU A 191 -7.79 10.80 -28.30
C LEU A 191 -7.81 9.32 -27.89
N HIS A 192 -8.14 9.05 -26.64
CA HIS A 192 -8.22 7.66 -26.17
C HIS A 192 -9.29 6.89 -26.94
N LYS A 193 -10.41 7.55 -27.26
CA LYS A 193 -11.45 6.89 -28.04
C LYS A 193 -11.00 6.57 -29.45
N GLN A 194 -9.96 7.25 -29.95
CA GLN A 194 -9.35 6.93 -31.23
C GLN A 194 -8.12 6.04 -31.08
N GLY A 195 -7.89 5.50 -29.90
CA GLY A 195 -6.71 4.68 -29.68
C GLY A 195 -5.41 5.43 -29.65
N LYS A 196 -5.44 6.73 -29.36
CA LYS A 196 -4.26 7.57 -29.31
C LYS A 196 -4.10 8.18 -27.91
N CYS A 197 -2.94 8.76 -27.67
CA CYS A 197 -2.64 9.36 -26.38
C CYS A 197 -1.74 10.57 -26.61
N GLY A 198 -2.03 11.66 -25.90
CA GLY A 198 -1.30 12.89 -26.11
C GLY A 198 -0.52 13.42 -24.92
N SER A 199 -1.03 13.18 -23.70
CA SER A 199 -0.38 13.78 -22.53
C SER A 199 -0.45 12.93 -21.27
N CYS A 200 -0.58 11.61 -21.38
CA CYS A 200 -0.63 10.75 -20.19
C CYS A 200 0.78 10.25 -19.91
N VAL A 201 1.49 10.98 -19.05
CA VAL A 201 2.85 10.63 -18.67
C VAL A 201 2.90 10.37 -17.17
N TYR A 202 4.05 9.89 -16.72
CA TYR A 202 4.26 9.41 -15.36
C TYR A 202 5.52 10.05 -14.80
N ASN A 203 5.50 10.42 -13.53
CA ASN A 203 6.59 11.15 -12.90
C ASN A 203 7.07 10.42 -11.65
N MET A 204 8.33 9.99 -11.68
CA MET A 204 8.91 9.24 -10.57
C MET A 204 9.52 10.18 -9.53
N MET A 227 2.30 13.60 -11.04
CA MET A 227 1.44 13.18 -12.15
C MET A 227 0.52 14.31 -12.60
N TRP A 228 0.06 14.24 -13.84
CA TRP A 228 -0.97 15.14 -14.32
C TRP A 228 -2.33 14.62 -13.87
N LEU A 229 -3.12 15.49 -13.25
CA LEU A 229 -4.39 15.05 -12.68
C LEU A 229 -5.36 14.56 -13.75
N GLY A 230 -5.26 15.09 -14.96
CA GLY A 230 -6.16 14.66 -16.02
C GLY A 230 -5.96 13.21 -16.40
N ALA A 231 -4.69 12.77 -16.46
CA ALA A 231 -4.42 11.38 -16.81
C ALA A 231 -4.88 10.43 -15.71
N ARG A 232 -4.75 10.85 -14.44
CA ARG A 232 -5.19 9.98 -13.35
C ARG A 232 -6.70 9.92 -13.23
N TYR A 233 -7.40 11.00 -13.63
CA TYR A 233 -8.86 10.89 -13.69
C TYR A 233 -9.28 9.90 -14.77
N LEU A 234 -8.69 10.01 -15.97
CA LEU A 234 -9.03 9.10 -17.05
C LEU A 234 -8.74 7.65 -16.65
N GLU A 235 -7.65 7.43 -15.92
CA GLU A 235 -7.40 6.09 -15.38
C GLU A 235 -8.44 5.73 -14.33
N PHE A 236 -8.75 6.66 -13.44
CA PHE A 236 -9.80 6.44 -12.44
C PHE A 236 -11.15 6.21 -13.12
N GLU A 237 -11.41 6.93 -14.22
CA GLU A 237 -12.67 6.78 -14.93
C GLU A 237 -12.85 5.38 -15.48
N ALA A 238 -11.78 4.79 -16.00
CA ALA A 238 -11.87 3.48 -16.66
C ALA A 238 -11.62 2.32 -15.72
N LEU A 239 -10.83 2.50 -14.66
CA LEU A 239 -10.46 1.39 -13.79
C LEU A 239 -10.74 1.63 -12.31
N GLY A 240 -11.29 2.79 -11.94
CA GLY A 240 -11.55 3.06 -10.53
C GLY A 240 -12.63 2.18 -9.92
N PHE A 241 -13.44 1.51 -10.76
CA PHE A 241 -14.50 0.66 -10.23
C PHE A 241 -13.96 -0.47 -9.37
N LEU A 242 -12.72 -0.89 -9.62
CA LEU A 242 -12.10 -1.94 -8.81
C LEU A 242 -12.05 -1.52 -7.35
N ASN A 243 -11.71 -0.25 -7.09
CA ASN A 243 -11.61 0.25 -5.72
C ASN A 243 -12.93 0.80 -5.21
N GLU A 244 -13.64 1.60 -6.03
CA GLU A 244 -14.86 2.26 -5.57
C GLU A 244 -15.98 1.25 -5.33
N ASP A 245 -16.05 0.21 -6.16
CA ASP A 245 -17.05 -0.84 -5.98
C ASP A 245 -16.52 -2.04 -5.22
N HIS A 246 -15.31 -1.94 -4.67
CA HIS A 246 -14.77 -2.93 -3.72
C HIS A 246 -14.73 -4.33 -4.32
N TRP A 247 -14.13 -4.45 -5.51
CA TRP A 247 -14.02 -5.76 -6.14
C TRP A 247 -13.13 -6.70 -5.34
N PHE A 248 -12.20 -6.15 -4.55
CA PHE A 248 -11.28 -6.97 -3.78
C PHE A 248 -11.59 -6.94 -2.29
N SER A 249 -12.83 -6.66 -1.93
CA SER A 249 -13.29 -6.95 -0.58
C SER A 249 -13.22 -8.46 -0.33
N ARG A 250 -13.23 -8.84 0.94
CA ARG A 250 -13.13 -10.26 1.26
C ARG A 250 -14.39 -11.02 0.87
N GLU A 251 -15.55 -10.36 0.89
CA GLU A 251 -16.77 -11.02 0.46
C GLU A 251 -16.75 -11.33 -1.03
N ASN A 252 -16.25 -10.40 -1.84
CA ASN A 252 -16.27 -10.57 -3.28
C ASN A 252 -15.06 -11.33 -3.82
N SER A 253 -13.91 -11.27 -3.15
CA SER A 253 -12.68 -11.84 -3.68
C SER A 253 -12.15 -13.01 -2.87
N TYR A 254 -12.69 -13.27 -1.67
CA TYR A 254 -12.29 -14.35 -0.78
C TYR A 254 -10.90 -14.12 -0.19
N SER A 255 -9.90 -13.85 -1.03
CA SER A 255 -8.54 -13.63 -0.56
C SER A 255 -8.27 -12.17 -0.17
N GLY A 256 -9.01 -11.23 -0.74
CA GLY A 256 -8.74 -9.83 -0.52
C GLY A 256 -9.15 -9.35 0.87
N VAL A 257 -8.70 -8.13 1.20
CA VAL A 257 -8.99 -7.51 2.48
C VAL A 257 -9.24 -6.02 2.27
N GLU A 258 -9.59 -5.63 1.06
CA GLU A 258 -9.84 -4.23 0.76
C GLU A 258 -11.07 -3.74 1.51
N GLY A 259 -10.94 -2.59 2.18
CA GLY A 259 -12.02 -2.03 2.96
C GLY A 259 -12.21 -2.61 4.34
N GLU A 260 -11.51 -3.70 4.67
CA GLU A 260 -11.71 -4.32 5.99
C GLU A 260 -11.14 -3.45 7.09
N GLY A 261 -9.91 -3.00 6.94
CA GLY A 261 -9.31 -2.13 7.92
C GLY A 261 -8.25 -2.85 8.75
N LEU A 262 -7.30 -2.07 9.26
CA LEU A 262 -6.20 -2.64 10.04
C LEU A 262 -6.70 -3.36 11.28
N HIS A 263 -7.79 -2.88 11.89
CA HIS A 263 -8.32 -3.49 13.10
C HIS A 263 -9.02 -4.82 12.84
N LYS A 264 -9.19 -5.21 11.58
CA LYS A 264 -9.82 -6.47 11.23
C LYS A 264 -8.85 -7.50 10.64
N LEU A 265 -7.66 -7.08 10.21
CA LEU A 265 -6.75 -8.00 9.54
C LEU A 265 -6.31 -9.13 10.46
N GLY A 266 -6.14 -8.85 11.75
CA GLY A 266 -5.72 -9.89 12.68
C GLY A 266 -6.78 -10.94 12.88
N TYR A 267 -8.05 -10.52 13.02
CA TYR A 267 -9.15 -11.47 13.11
C TYR A 267 -9.21 -12.35 11.86
N ILE A 268 -8.98 -11.76 10.69
CA ILE A 268 -9.02 -12.51 9.44
C ILE A 268 -7.91 -13.57 9.43
N LEU A 269 -6.71 -13.19 9.86
CA LEU A 269 -5.62 -14.16 9.94
C LEU A 269 -5.96 -15.27 10.94
N ARG A 270 -6.63 -14.92 12.04
CA ARG A 270 -7.03 -15.93 13.01
C ARG A 270 -8.06 -16.89 12.43
N ASP A 271 -8.99 -16.37 11.63
CA ASP A 271 -9.97 -17.23 10.96
C ASP A 271 -9.28 -18.16 9.96
N ILE A 272 -8.26 -17.66 9.26
CA ILE A 272 -7.53 -18.49 8.31
C ILE A 272 -6.80 -19.61 9.04
N SER A 273 -6.26 -19.33 10.23
CA SER A 273 -5.58 -20.35 11.01
C SER A 273 -6.52 -21.49 11.43
N LYS A 274 -7.82 -21.24 11.45
CA LYS A 274 -8.76 -22.31 11.77
C LYS A 274 -8.92 -23.32 10.64
N ILE A 275 -8.56 -22.93 9.42
CA ILE A 275 -8.67 -23.84 8.28
C ILE A 275 -7.61 -24.92 8.40
N PRO A 276 -7.97 -26.21 8.30
CA PRO A 276 -6.94 -27.25 8.35
C PRO A 276 -6.00 -27.15 7.17
N GLY A 277 -4.72 -27.40 7.45
CA GLY A 277 -3.70 -27.31 6.42
C GLY A 277 -2.32 -27.28 7.05
N GLY A 278 -1.36 -26.78 6.28
CA GLY A 278 0.01 -26.66 6.74
C GLY A 278 0.25 -25.35 7.47
N ALA A 279 1.52 -24.94 7.49
CA ALA A 279 1.90 -23.67 8.09
C ALA A 279 1.33 -22.51 7.28
N MET A 280 1.40 -21.32 7.86
CA MET A 280 1.01 -20.08 7.20
C MET A 280 2.27 -19.43 6.63
N TYR A 281 2.26 -19.16 5.33
CA TYR A 281 3.42 -18.60 4.63
C TYR A 281 3.14 -17.16 4.24
N ALA A 282 4.16 -16.31 4.34
CA ALA A 282 4.05 -14.89 4.03
C ALA A 282 5.38 -14.41 3.43
N ASP A 283 5.64 -14.84 2.19
CA ASP A 283 6.89 -14.49 1.52
C ASP A 283 6.80 -13.11 0.89
N ASP A 284 7.81 -12.29 1.12
CA ASP A 284 7.91 -11.01 0.44
C ASP A 284 8.55 -11.18 -0.93
N THR A 285 8.03 -10.44 -1.91
CA THR A 285 8.58 -10.42 -3.26
C THR A 285 9.52 -9.23 -3.42
N ALA A 286 10.70 -9.49 -3.96
CA ALA A 286 11.67 -8.42 -4.22
C ALA A 286 11.15 -7.54 -5.35
N GLY A 287 10.79 -6.30 -5.01
CA GLY A 287 10.34 -5.33 -6.00
C GLY A 287 9.22 -5.80 -6.90
N TRP A 288 8.04 -6.00 -6.31
CA TRP A 288 6.92 -6.59 -7.03
C TRP A 288 6.58 -5.80 -8.29
N ASP A 289 6.54 -4.47 -8.20
CA ASP A 289 6.12 -3.66 -9.34
C ASP A 289 7.04 -3.82 -10.54
N THR A 290 8.32 -4.13 -10.29
CA THR A 290 9.25 -4.37 -11.40
C THR A 290 9.14 -5.78 -11.96
N ARG A 291 8.40 -6.68 -11.30
CA ARG A 291 8.25 -8.05 -11.74
C ARG A 291 6.95 -8.29 -12.48
N ILE A 292 6.14 -7.25 -12.72
CA ILE A 292 4.93 -7.41 -13.51
C ILE A 292 5.32 -7.54 -14.97
N THR A 293 5.02 -8.70 -15.57
CA THR A 293 5.44 -9.01 -16.92
C THR A 293 4.39 -8.56 -17.94
N GLU A 294 4.76 -8.65 -19.22
CA GLU A 294 3.81 -8.40 -20.29
C GLU A 294 2.66 -9.41 -20.24
N ASP A 295 2.94 -10.64 -19.83
CA ASP A 295 1.88 -11.63 -19.71
C ASP A 295 0.93 -11.29 -18.57
N ASP A 296 1.45 -10.78 -17.45
CA ASP A 296 0.60 -10.31 -16.37
C ASP A 296 -0.34 -9.22 -16.85
N LEU A 297 0.21 -8.24 -17.58
CA LEU A 297 -0.60 -7.13 -18.07
C LEU A 297 -1.68 -7.61 -19.05
N HIS A 298 -1.34 -8.57 -19.90
CA HIS A 298 -2.33 -9.15 -20.80
C HIS A 298 -3.40 -9.90 -20.01
N ASN A 299 -3.00 -10.58 -18.93
CA ASN A 299 -3.98 -11.30 -18.12
C ASN A 299 -4.84 -10.34 -17.32
N GLU A 300 -4.25 -9.24 -16.84
CA GLU A 300 -5.03 -8.24 -16.12
C GLU A 300 -6.02 -7.54 -17.04
N GLU A 301 -5.70 -7.49 -18.34
CA GLU A 301 -6.55 -6.79 -19.31
C GLU A 301 -7.86 -7.52 -19.57
N LYS A 302 -7.96 -8.80 -19.22
CA LYS A 302 -9.14 -9.59 -19.51
C LYS A 302 -10.40 -9.07 -18.85
N ILE A 303 -10.29 -8.16 -17.87
CA ILE A 303 -11.48 -7.60 -17.24
C ILE A 303 -12.30 -6.79 -18.24
N THR A 304 -11.65 -6.27 -19.29
CA THR A 304 -12.37 -5.51 -20.31
C THR A 304 -13.46 -6.34 -21.00
N GLN A 305 -13.35 -7.67 -20.95
CA GLN A 305 -14.34 -8.52 -21.60
C GLN A 305 -15.69 -8.47 -20.90
N GLN A 306 -15.75 -7.97 -19.66
CA GLN A 306 -16.99 -7.85 -18.92
C GLN A 306 -17.59 -6.45 -18.98
N MET A 307 -16.98 -5.53 -19.71
CA MET A 307 -17.42 -4.14 -19.74
C MET A 307 -18.36 -3.89 -20.90
N ASP A 308 -19.14 -2.82 -20.76
CA ASP A 308 -19.92 -2.31 -21.88
C ASP A 308 -18.99 -1.70 -22.92
N PRO A 309 -19.43 -1.58 -24.17
CA PRO A 309 -18.51 -1.15 -25.23
C PRO A 309 -17.87 0.21 -25.00
N GLU A 310 -18.62 1.20 -24.51
CA GLU A 310 -18.02 2.51 -24.26
C GLU A 310 -17.03 2.46 -23.10
N HIS A 311 -17.26 1.60 -22.12
CA HIS A 311 -16.31 1.42 -21.03
C HIS A 311 -15.10 0.60 -21.49
N ARG A 312 -15.36 -0.50 -22.20
CA ARG A 312 -14.27 -1.34 -22.69
C ARG A 312 -13.31 -0.55 -23.58
N GLN A 313 -13.83 0.41 -24.34
CA GLN A 313 -12.98 1.21 -25.22
C GLN A 313 -12.02 2.10 -24.43
N LEU A 314 -12.52 2.73 -23.36
CA LEU A 314 -11.68 3.61 -22.56
C LEU A 314 -10.72 2.82 -21.68
N ALA A 315 -11.10 1.61 -21.27
CA ALA A 315 -10.19 0.80 -20.47
C ALA A 315 -9.10 0.18 -21.34
N ASN A 316 -9.46 -0.29 -22.54
CA ASN A 316 -8.45 -0.77 -23.47
C ASN A 316 -7.42 0.31 -23.77
N ALA A 317 -7.86 1.57 -23.86
CA ALA A 317 -6.94 2.67 -24.07
C ALA A 317 -5.98 2.82 -22.89
N ILE A 318 -6.49 2.70 -21.66
CA ILE A 318 -5.63 2.77 -20.49
C ILE A 318 -4.62 1.63 -20.50
N PHE A 319 -5.10 0.41 -20.76
CA PHE A 319 -4.20 -0.75 -20.76
C PHE A 319 -3.17 -0.65 -21.87
N LYS A 320 -3.61 -0.36 -23.09
CA LYS A 320 -2.72 -0.40 -24.24
C LYS A 320 -1.77 0.79 -24.29
N LEU A 321 -2.26 1.99 -23.97
CA LEU A 321 -1.49 3.21 -24.17
C LEU A 321 -0.83 3.73 -22.89
N THR A 322 -1.25 3.26 -21.72
CA THR A 322 -0.76 3.78 -20.45
C THR A 322 -0.06 2.74 -19.58
N TYR A 323 -0.49 1.48 -19.63
CA TYR A 323 0.15 0.41 -18.88
C TYR A 323 1.15 -0.37 -19.74
N GLN A 324 0.68 -0.99 -20.81
CA GLN A 324 1.53 -1.75 -21.71
C GLN A 324 2.47 -0.86 -22.53
N ASN A 325 2.23 0.44 -22.54
CA ASN A 325 3.16 1.43 -23.07
C ASN A 325 3.12 2.61 -22.12
N LYS A 326 4.28 3.11 -21.71
CA LYS A 326 4.33 4.17 -20.73
C LYS A 326 5.45 5.14 -21.05
N VAL A 327 5.18 6.42 -20.85
CA VAL A 327 6.19 7.48 -20.95
C VAL A 327 6.38 8.06 -19.56
N VAL A 328 7.63 8.10 -19.11
CA VAL A 328 7.95 8.52 -17.75
C VAL A 328 8.99 9.64 -17.81
N LYS A 329 8.79 10.68 -17.01
CA LYS A 329 9.80 11.72 -16.81
C LYS A 329 10.45 11.50 -15.45
N VAL A 330 11.77 11.39 -15.44
CA VAL A 330 12.52 11.15 -14.20
C VAL A 330 13.57 12.23 -14.06
N GLN A 331 13.87 12.58 -12.81
CA GLN A 331 14.88 13.61 -12.52
C GLN A 331 16.24 12.97 -12.32
N ARG A 332 17.28 13.66 -12.79
CA ARG A 332 18.63 13.12 -12.76
C ARG A 332 19.64 14.23 -12.53
N PRO A 333 20.57 14.07 -11.59
CA PRO A 333 21.61 15.07 -11.41
C PRO A 333 22.68 14.98 -12.49
N THR A 334 23.22 16.13 -12.84
CA THR A 334 24.23 16.25 -13.89
C THR A 334 25.15 17.40 -13.52
N PRO A 335 26.41 17.38 -14.01
CA PRO A 335 27.31 18.50 -13.71
C PRO A 335 26.88 19.83 -14.30
N LYS A 336 25.67 19.88 -14.87
CA LYS A 336 25.11 21.12 -15.39
C LYS A 336 23.84 21.55 -14.66
N GLY A 337 23.42 20.80 -13.62
CA GLY A 337 22.21 21.12 -12.90
C GLY A 337 21.31 19.93 -12.69
N THR A 338 20.00 20.15 -12.72
CA THR A 338 19.02 19.08 -12.59
C THR A 338 18.32 18.89 -13.94
N VAL A 339 18.26 17.65 -14.39
CA VAL A 339 17.79 17.32 -15.73
C VAL A 339 16.72 16.24 -15.64
N MET A 340 15.62 16.45 -16.36
CA MET A 340 14.53 15.49 -16.45
C MET A 340 14.64 14.72 -17.76
N ASP A 341 14.65 13.39 -17.66
CA ASP A 341 14.79 12.53 -18.82
C ASP A 341 13.48 11.84 -19.18
N ILE A 342 13.35 11.49 -20.44
CA ILE A 342 12.13 10.92 -21.00
C ILE A 342 12.44 9.49 -21.44
N ILE A 343 11.91 8.51 -20.70
CA ILE A 343 12.16 7.10 -20.96
C ILE A 343 10.82 6.39 -21.16
N SER A 344 10.90 5.12 -21.55
CA SER A 344 9.69 4.36 -21.85
C SER A 344 10.04 2.87 -21.86
N ARG A 345 9.03 2.06 -21.54
CA ARG A 345 9.14 0.60 -21.60
C ARG A 345 7.74 0.02 -21.73
N LYS A 346 7.67 -1.30 -21.89
CA LYS A 346 6.41 -1.98 -22.19
C LYS A 346 5.89 -2.86 -21.06
N ASP A 347 6.65 -3.06 -20.00
CA ASP A 347 6.18 -3.86 -18.87
C ASP A 347 6.44 -3.10 -17.58
N GLN A 348 6.43 -3.84 -16.46
CA GLN A 348 6.45 -3.29 -15.11
C GLN A 348 5.18 -2.48 -14.85
N ARG A 349 4.94 -2.11 -13.60
CA ARG A 349 3.78 -1.33 -13.22
C ARG A 349 4.21 -0.03 -12.57
N GLY A 350 3.53 1.05 -12.94
CA GLY A 350 3.76 2.34 -12.28
C GLY A 350 3.12 2.34 -10.91
N SER A 351 3.89 2.78 -9.90
CA SER A 351 3.40 2.74 -8.53
C SER A 351 2.38 3.84 -8.27
N GLY A 352 2.57 5.00 -8.88
CA GLY A 352 1.64 6.11 -8.70
C GLY A 352 0.46 6.04 -9.65
N GLN A 353 -0.35 4.99 -9.52
CA GLN A 353 -1.50 4.78 -10.37
C GLN A 353 -2.66 4.28 -9.54
N VAL A 354 -3.88 4.67 -9.92
CA VAL A 354 -5.06 4.04 -9.38
C VAL A 354 -5.20 2.65 -9.99
N GLY A 355 -5.78 1.72 -9.22
CA GLY A 355 -5.84 0.35 -9.69
C GLY A 355 -4.52 -0.40 -9.66
N THR A 356 -3.42 0.26 -9.29
CA THR A 356 -2.18 -0.47 -9.03
C THR A 356 -2.37 -1.45 -7.89
N TYR A 357 -3.08 -1.04 -6.83
CA TYR A 357 -3.35 -1.92 -5.71
C TYR A 357 -4.24 -3.08 -6.15
N GLY A 358 -5.30 -2.79 -6.91
CA GLY A 358 -6.23 -3.83 -7.32
C GLY A 358 -5.61 -4.82 -8.29
N LEU A 359 -4.85 -4.33 -9.26
CA LEU A 359 -4.25 -5.23 -10.25
C LEU A 359 -3.09 -6.01 -9.64
N ASN A 360 -2.37 -5.42 -8.68
CA ASN A 360 -1.38 -6.19 -7.94
C ASN A 360 -2.06 -7.27 -7.10
N THR A 361 -3.16 -6.94 -6.45
CA THR A 361 -3.92 -7.91 -5.67
C THR A 361 -4.38 -9.07 -6.55
N PHE A 362 -4.95 -8.75 -7.72
CA PHE A 362 -5.41 -9.78 -8.64
C PHE A 362 -4.27 -10.70 -9.07
N THR A 363 -3.16 -10.13 -9.53
CA THR A 363 -2.06 -10.95 -10.02
C THR A 363 -1.41 -11.74 -8.89
N ASN A 364 -1.35 -11.18 -7.68
CA ASN A 364 -0.83 -11.94 -6.55
C ASN A 364 -1.76 -13.08 -6.18
N MET A 365 -3.07 -12.84 -6.23
CA MET A 365 -4.04 -13.92 -6.02
C MET A 365 -3.82 -15.04 -7.01
N GLU A 366 -3.66 -14.70 -8.30
CA GLU A 366 -3.43 -15.70 -9.33
C GLU A 366 -2.12 -16.45 -9.09
N ALA A 367 -1.06 -15.72 -8.72
CA ALA A 367 0.24 -16.35 -8.54
C ALA A 367 0.24 -17.31 -7.36
N GLN A 368 -0.39 -16.92 -6.24
CA GLN A 368 -0.41 -17.80 -5.07
C GLN A 368 -1.29 -19.03 -5.32
N LEU A 369 -2.41 -18.85 -6.04
CA LEU A 369 -3.19 -19.99 -6.47
C LEU A 369 -2.34 -20.97 -7.28
N ILE A 370 -1.49 -20.44 -8.16
CA ILE A 370 -0.65 -21.29 -8.99
C ILE A 370 0.39 -22.01 -8.13
N ARG A 371 0.95 -21.32 -7.14
CA ARG A 371 1.88 -21.99 -6.24
C ARG A 371 1.19 -23.08 -5.42
N GLN A 372 -0.08 -22.85 -5.05
CA GLN A 372 -0.83 -23.90 -4.38
C GLN A 372 -1.07 -25.09 -5.30
N MET A 373 -1.32 -24.83 -6.60
CA MET A 373 -1.42 -25.90 -7.57
C MET A 373 -0.16 -26.75 -7.59
N GLU A 374 1.00 -26.10 -7.70
CA GLU A 374 2.27 -26.82 -7.78
C GLU A 374 2.53 -27.62 -6.51
N GLY A 375 2.16 -27.06 -5.35
CA GLY A 375 2.35 -27.79 -4.10
C GLY A 375 1.52 -29.06 -4.05
N GLU A 376 0.31 -29.03 -4.58
CA GLU A 376 -0.57 -30.18 -4.56
C GLU A 376 -0.30 -31.17 -5.69
N GLY A 377 0.73 -30.93 -6.49
CA GLY A 377 1.08 -31.87 -7.55
C GLY A 377 0.32 -31.67 -8.85
N VAL A 378 -0.52 -30.64 -8.95
CA VAL A 378 -1.25 -30.40 -10.19
C VAL A 378 -0.30 -29.91 -11.28
N LEU A 379 0.75 -29.17 -10.92
CA LEU A 379 1.68 -28.59 -11.86
C LEU A 379 3.06 -29.18 -11.64
N SER A 380 3.61 -29.80 -12.67
CA SER A 380 4.97 -30.34 -12.64
C SER A 380 5.92 -29.41 -13.39
N LYS A 381 7.20 -29.70 -13.29
CA LYS A 381 8.18 -28.98 -14.10
C LYS A 381 7.90 -29.17 -15.59
N THR A 382 7.59 -30.42 -15.99
CA THR A 382 7.30 -30.69 -17.39
C THR A 382 6.09 -29.88 -17.87
N ASP A 383 5.08 -29.73 -17.02
CA ASP A 383 3.92 -28.92 -17.38
C ASP A 383 4.32 -27.48 -17.66
N LEU A 384 5.16 -26.90 -16.79
CA LEU A 384 5.53 -25.51 -16.96
C LEU A 384 6.39 -25.30 -18.21
N GLU A 385 7.11 -26.33 -18.66
CA GLU A 385 7.88 -26.24 -19.89
C GLU A 385 7.02 -26.48 -21.14
N ASN A 386 5.85 -27.06 -20.99
CA ASN A 386 5.11 -27.59 -22.12
C ASN A 386 4.34 -26.47 -22.83
N PRO A 387 4.64 -26.18 -24.09
CA PRO A 387 3.85 -25.21 -24.85
C PRO A 387 2.51 -25.74 -25.32
N HIS A 388 2.22 -27.02 -25.11
CA HIS A 388 0.95 -27.64 -25.45
C HIS A 388 0.30 -28.24 -24.21
N LEU A 389 0.43 -27.55 -23.08
CA LEU A 389 -0.10 -28.05 -21.82
C LEU A 389 -1.61 -28.15 -21.87
N LEU A 390 -2.14 -29.26 -21.35
CA LEU A 390 -3.58 -29.48 -21.33
C LEU A 390 -4.23 -28.67 -20.21
N GLU A 391 -5.43 -28.15 -20.48
CA GLU A 391 -6.15 -27.33 -19.52
C GLU A 391 -7.00 -28.14 -18.55
N LYS A 392 -7.27 -29.40 -18.87
CA LYS A 392 -8.31 -30.16 -18.16
C LYS A 392 -8.10 -30.15 -16.65
N LYS A 393 -6.94 -30.62 -16.18
CA LYS A 393 -6.72 -30.73 -14.74
C LYS A 393 -6.55 -29.36 -14.08
N ILE A 394 -6.12 -28.34 -14.82
CA ILE A 394 -6.05 -26.99 -14.27
C ILE A 394 -7.46 -26.44 -14.07
N THR A 395 -8.31 -26.60 -15.08
CA THR A 395 -9.69 -26.11 -14.99
C THR A 395 -10.47 -26.89 -13.93
N GLN A 396 -10.27 -28.21 -13.86
CA GLN A 396 -10.96 -29.01 -12.86
C GLN A 396 -10.58 -28.56 -11.44
N TRP A 397 -9.30 -28.32 -11.21
CA TRP A 397 -8.85 -27.89 -9.87
C TRP A 397 -9.45 -26.54 -9.50
N LEU A 398 -9.49 -25.60 -10.45
CA LEU A 398 -10.00 -24.27 -10.16
C LEU A 398 -11.50 -24.30 -9.88
N GLU A 399 -12.26 -25.04 -10.68
CA GLU A 399 -13.70 -25.05 -10.51
C GLU A 399 -14.17 -25.87 -9.31
N THR A 400 -13.34 -26.81 -8.83
CA THR A 400 -13.71 -27.62 -7.68
C THR A 400 -13.06 -27.18 -6.38
N LYS A 401 -11.87 -26.59 -6.44
CA LYS A 401 -11.14 -26.19 -5.24
C LYS A 401 -10.80 -24.70 -5.20
N GLY A 402 -10.98 -23.96 -6.30
CA GLY A 402 -10.45 -22.62 -6.38
C GLY A 402 -10.92 -21.70 -5.26
N VAL A 403 -12.24 -21.66 -5.03
CA VAL A 403 -12.78 -20.76 -4.02
C VAL A 403 -12.29 -21.15 -2.64
N GLU A 404 -12.28 -22.44 -2.33
CA GLU A 404 -11.75 -22.90 -1.05
C GLU A 404 -10.29 -22.47 -0.87
N ARG A 405 -9.48 -22.64 -1.92
CA ARG A 405 -8.07 -22.26 -1.83
C ARG A 405 -7.90 -20.75 -1.74
N LEU A 406 -8.81 -19.98 -2.34
CA LEU A 406 -8.77 -18.52 -2.18
C LEU A 406 -9.03 -18.13 -0.74
N LYS A 407 -9.91 -18.86 -0.05
CA LYS A 407 -10.23 -18.56 1.34
C LYS A 407 -9.08 -18.85 2.29
N ARG A 408 -8.05 -19.58 1.83
CA ARG A 408 -6.87 -19.85 2.64
C ARG A 408 -5.87 -18.71 2.62
N MET A 409 -6.21 -17.58 2.00
CA MET A 409 -5.25 -16.53 1.73
C MET A 409 -5.78 -15.17 2.16
N ALA A 410 -4.85 -14.32 2.60
CA ALA A 410 -5.09 -12.90 2.80
C ALA A 410 -4.09 -12.17 1.91
N ILE A 411 -4.60 -11.38 0.95
CA ILE A 411 -3.75 -10.80 -0.08
C ILE A 411 -4.11 -9.33 -0.25
N SER A 412 -3.13 -8.47 -0.01
CA SER A 412 -3.26 -7.01 -0.17
C SER A 412 -2.10 -6.56 -1.06
N GLY A 413 -2.37 -6.47 -2.36
CA GLY A 413 -1.31 -6.11 -3.29
C GLY A 413 -0.25 -7.20 -3.33
N ASP A 414 1.01 -6.80 -3.13
CA ASP A 414 2.10 -7.77 -3.10
C ASP A 414 2.25 -8.45 -1.75
N ASP A 415 1.57 -7.96 -0.72
CA ASP A 415 1.58 -8.62 0.59
C ASP A 415 0.61 -9.79 0.57
N CYS A 416 1.08 -10.96 1.02
CA CYS A 416 0.27 -12.16 0.95
C CYS A 416 0.53 -13.06 2.14
N VAL A 417 -0.54 -13.73 2.57
CA VAL A 417 -0.48 -14.80 3.56
C VAL A 417 -1.33 -15.95 3.00
N VAL A 418 -0.76 -17.15 2.97
CA VAL A 418 -1.49 -18.31 2.46
C VAL A 418 -1.26 -19.50 3.38
N LYS A 419 -2.33 -20.24 3.65
CA LYS A 419 -2.31 -21.46 4.45
C LYS A 419 -2.66 -22.63 3.54
N PRO A 420 -1.67 -23.26 2.90
CA PRO A 420 -1.96 -24.36 1.99
C PRO A 420 -2.44 -25.60 2.73
N ILE A 421 -2.88 -26.59 1.96
CA ILE A 421 -3.41 -27.81 2.56
C ILE A 421 -2.32 -28.63 3.23
N ASP A 422 -1.06 -28.47 2.82
CA ASP A 422 0.07 -29.09 3.49
C ASP A 422 1.31 -28.26 3.17
N ASP A 423 2.48 -28.75 3.57
CA ASP A 423 3.71 -27.97 3.51
C ASP A 423 4.56 -28.26 2.28
N ARG A 424 4.05 -29.01 1.30
CA ARG A 424 4.73 -29.10 0.01
C ARG A 424 4.86 -27.71 -0.63
N PHE A 425 3.90 -26.83 -0.34
CA PHE A 425 3.93 -25.44 -0.77
C PHE A 425 5.29 -24.78 -0.50
N ALA A 426 5.91 -25.12 0.63
CA ALA A 426 7.17 -24.48 1.01
C ALA A 426 8.26 -24.69 -0.04
N ASN A 427 8.25 -25.84 -0.71
CA ASN A 427 9.25 -26.14 -1.74
C ASN A 427 8.69 -26.04 -3.15
N ALA A 428 7.46 -25.54 -3.30
CA ALA A 428 6.85 -25.36 -4.62
C ALA A 428 7.25 -23.99 -5.13
N LEU A 429 8.35 -23.93 -5.88
CA LEU A 429 8.94 -22.66 -6.28
C LEU A 429 9.19 -22.54 -7.78
N LEU A 430 8.86 -23.56 -8.58
CA LEU A 430 9.15 -23.48 -10.01
C LEU A 430 8.31 -22.40 -10.68
N ALA A 431 7.00 -22.42 -10.44
CA ALA A 431 6.12 -21.43 -11.07
C ALA A 431 6.33 -20.04 -10.48
N LEU A 432 6.51 -19.95 -9.16
CA LEU A 432 6.66 -18.65 -8.53
C LEU A 432 7.89 -17.92 -9.07
N ASN A 433 9.01 -18.63 -9.22
CA ASN A 433 10.21 -18.00 -9.77
C ASN A 433 10.06 -17.75 -11.27
N ASP A 434 9.48 -18.71 -11.99
CA ASP A 434 9.33 -18.54 -13.44
C ASP A 434 8.34 -17.43 -13.79
N MET A 435 7.31 -17.23 -12.95
CA MET A 435 6.40 -16.11 -13.16
C MET A 435 7.07 -14.76 -12.91
N GLY A 436 8.24 -14.74 -12.30
CA GLY A 436 8.97 -13.51 -12.06
C GLY A 436 8.89 -12.99 -10.65
N LYS A 437 8.09 -13.62 -9.79
CA LYS A 437 7.87 -13.13 -8.42
C LYS A 437 8.89 -13.78 -7.49
N VAL A 438 10.16 -13.44 -7.72
CA VAL A 438 11.25 -13.98 -6.93
C VAL A 438 11.19 -13.42 -5.52
N ARG A 439 11.30 -14.30 -4.52
CA ARG A 439 11.23 -13.88 -3.13
C ARG A 439 12.45 -13.04 -2.76
N LYS A 440 12.28 -12.20 -1.74
CA LYS A 440 13.30 -11.24 -1.35
C LYS A 440 14.25 -11.85 -0.32
N ASP A 441 15.56 -11.64 -0.53
CA ASP A 441 16.60 -11.95 0.45
C ASP A 441 16.59 -13.43 0.85
N ILE A 442 16.51 -14.29 -0.16
CA ILE A 442 16.55 -15.74 0.07
C ILE A 442 17.04 -16.39 -1.23
N PRO A 443 17.87 -17.43 -1.15
CA PRO A 443 18.22 -18.17 -2.36
C PRO A 443 16.97 -18.61 -3.11
N GLN A 444 17.06 -18.58 -4.44
CA GLN A 444 15.89 -18.75 -5.28
C GLN A 444 15.18 -20.07 -5.02
N TRP A 445 15.93 -21.13 -4.70
CA TRP A 445 15.36 -22.47 -4.53
C TRP A 445 15.36 -22.94 -3.07
N GLN A 446 15.75 -22.09 -2.13
CA GLN A 446 15.66 -22.46 -0.73
C GLN A 446 14.20 -22.46 -0.30
N PRO A 447 13.72 -23.52 0.36
CA PRO A 447 12.30 -23.58 0.73
C PRO A 447 11.88 -22.44 1.64
N SER A 448 10.62 -22.04 1.50
CA SER A 448 10.07 -21.00 2.35
C SER A 448 9.88 -21.50 3.77
N LYS A 449 10.01 -20.60 4.73
CA LYS A 449 9.75 -20.88 6.13
C LYS A 449 8.42 -20.26 6.52
N GLY A 450 7.49 -21.09 7.00
CA GLY A 450 6.20 -20.63 7.44
C GLY A 450 6.09 -20.62 8.96
N TRP A 451 4.98 -20.07 9.45
CA TRP A 451 4.69 -19.98 10.87
C TRP A 451 3.49 -20.86 11.20
N HIS A 452 3.58 -21.55 12.35
CA HIS A 452 2.48 -22.36 12.86
C HIS A 452 1.65 -21.61 13.89
N ASP A 453 1.91 -20.33 14.08
CA ASP A 453 1.11 -19.47 14.95
C ASP A 453 0.77 -18.20 14.17
N TRP A 454 -0.51 -17.96 13.95
CA TRP A 454 -0.93 -16.79 13.18
C TRP A 454 -0.45 -15.48 13.80
N GLN A 455 -0.15 -15.47 15.11
CA GLN A 455 0.30 -14.26 15.76
C GLN A 455 1.72 -13.87 15.40
N GLN A 456 2.49 -14.80 14.81
CA GLN A 456 3.84 -14.48 14.35
C GLN A 456 3.89 -14.11 12.88
N VAL A 457 2.78 -14.24 12.16
CA VAL A 457 2.76 -14.01 10.71
C VAL A 457 2.81 -12.52 10.42
N PRO A 458 3.78 -12.05 9.63
CA PRO A 458 3.79 -10.64 9.22
C PRO A 458 2.84 -10.41 8.05
N PHE A 459 2.16 -9.27 8.10
CA PHE A 459 1.19 -8.92 7.07
C PHE A 459 0.91 -7.43 7.17
N CYS A 460 1.07 -6.72 6.04
CA CYS A 460 0.83 -5.28 5.96
C CYS A 460 1.64 -4.53 7.03
N SER A 461 2.92 -4.88 7.12
CA SER A 461 3.88 -4.26 8.03
C SER A 461 3.48 -4.43 9.49
N HIS A 462 2.68 -5.45 9.81
CA HIS A 462 2.19 -5.66 11.15
C HIS A 462 2.24 -7.13 11.51
N HIS A 463 2.18 -7.40 12.81
CA HIS A 463 1.78 -8.67 13.36
C HIS A 463 0.59 -8.42 14.29
N PHE A 464 -0.03 -9.49 14.79
CA PHE A 464 -1.27 -9.35 15.52
C PHE A 464 -1.27 -10.21 16.77
N HIS A 465 -1.72 -9.63 17.87
CA HIS A 465 -1.77 -10.28 19.18
C HIS A 465 -3.21 -10.52 19.60
N GLU A 466 -3.48 -11.68 20.18
CA GLU A 466 -4.76 -11.96 20.80
C GLU A 466 -4.67 -11.58 22.28
N LEU A 467 -5.56 -10.70 22.73
CA LEU A 467 -5.54 -10.17 24.08
C LEU A 467 -6.77 -10.61 24.85
N ILE A 468 -6.60 -10.84 26.14
CA ILE A 468 -7.67 -11.28 27.02
C ILE A 468 -8.04 -10.10 27.92
N MET A 469 -9.23 -9.55 27.70
CA MET A 469 -9.72 -8.48 28.56
C MET A 469 -10.03 -9.03 29.96
N LYS A 470 -10.12 -8.12 30.92
CA LYS A 470 -10.35 -8.53 32.30
C LYS A 470 -11.73 -9.18 32.48
N ASP A 471 -12.69 -8.85 31.62
CA ASP A 471 -14.00 -9.50 31.68
C ASP A 471 -14.02 -10.84 30.95
N GLY A 472 -12.89 -11.28 30.40
CA GLY A 472 -12.79 -12.56 29.73
C GLY A 472 -12.91 -12.51 28.22
N ARG A 473 -13.39 -11.40 27.67
CA ARG A 473 -13.52 -11.31 26.22
C ARG A 473 -12.16 -11.17 25.56
N LYS A 474 -12.10 -11.53 24.28
CA LYS A 474 -10.85 -11.60 23.53
C LYS A 474 -10.82 -10.51 22.46
N LEU A 475 -9.70 -9.81 22.38
CA LEU A 475 -9.42 -8.86 21.32
C LEU A 475 -8.24 -9.37 20.50
N VAL A 476 -8.22 -9.01 19.22
CA VAL A 476 -7.08 -9.27 18.33
C VAL A 476 -6.63 -7.92 17.79
N VAL A 477 -5.44 -7.50 18.19
CA VAL A 477 -4.98 -6.14 17.95
C VAL A 477 -3.80 -6.12 16.98
N PRO A 478 -3.64 -5.06 16.20
CA PRO A 478 -2.44 -4.94 15.36
C PRO A 478 -1.26 -4.43 16.16
N CYS A 479 -0.06 -4.79 15.69
CA CYS A 479 1.15 -4.42 16.41
C CYS A 479 2.32 -4.41 15.45
N ARG A 480 3.33 -3.62 15.81
CA ARG A 480 4.59 -3.56 15.07
C ARG A 480 5.66 -3.04 16.02
N PRO A 481 6.93 -3.17 15.65
CA PRO A 481 8.00 -2.64 16.52
C PRO A 481 7.77 -1.16 16.85
N GLN A 482 7.78 -0.86 18.16
CA GLN A 482 7.31 0.43 18.65
C GLN A 482 8.12 1.58 18.09
N ASP A 483 9.41 1.37 17.82
CA ASP A 483 10.24 2.45 17.28
C ASP A 483 9.73 2.92 15.92
N GLU A 484 9.13 2.02 15.14
CA GLU A 484 8.56 2.43 13.86
C GLU A 484 7.36 3.34 14.07
N LEU A 485 6.57 3.08 15.11
CA LEU A 485 5.41 3.92 15.39
C LEU A 485 5.84 5.30 15.87
N ILE A 486 6.80 5.36 16.80
CA ILE A 486 7.24 6.63 17.36
C ILE A 486 8.02 7.42 16.31
N GLY A 487 8.88 6.75 15.54
CA GLY A 487 9.65 7.45 14.53
C GLY A 487 8.78 8.08 13.45
N ARG A 488 7.69 7.41 13.09
CA ARG A 488 6.76 7.98 12.12
C ARG A 488 6.00 9.17 12.70
N ALA A 489 5.61 9.08 13.98
CA ALA A 489 4.84 10.17 14.58
C ALA A 489 5.67 11.43 14.73
N ARG A 490 6.98 11.30 14.90
CA ARG A 490 7.86 12.45 15.02
C ARG A 490 8.16 13.12 13.69
N ILE A 491 7.65 12.59 12.59
CA ILE A 491 7.89 13.12 11.25
C ILE A 491 6.69 13.94 10.82
N SER A 492 6.89 15.24 10.62
CA SER A 492 5.88 16.09 10.01
C SER A 492 6.07 16.07 8.50
N GLN A 493 4.97 16.27 7.77
CA GLN A 493 5.00 16.23 6.31
C GLN A 493 5.06 17.66 5.78
N GLY A 494 6.22 18.04 5.24
CA GLY A 494 6.37 19.29 4.51
C GLY A 494 7.25 20.36 5.12
N ALA A 495 6.95 21.63 4.85
CA ALA A 495 7.82 22.74 5.27
C ALA A 495 7.21 23.69 6.29
N GLY A 496 6.54 24.75 5.81
CA GLY A 496 6.09 25.81 6.70
C GLY A 496 4.70 25.59 7.29
N TRP A 497 4.63 24.85 8.40
CA TRP A 497 3.37 24.64 9.09
C TRP A 497 3.45 25.25 10.48
N SER A 498 2.36 25.89 10.89
CA SER A 498 2.30 26.55 12.18
C SER A 498 2.31 25.52 13.31
N LEU A 499 2.50 26.00 14.53
CA LEU A 499 2.53 25.12 15.68
C LEU A 499 1.18 24.41 15.86
N LYS A 500 0.08 25.09 15.54
CA LYS A 500 -1.23 24.47 15.70
C LYS A 500 -1.40 23.28 14.75
N GLU A 501 -1.04 23.46 13.48
CA GLU A 501 -1.12 22.35 12.54
C GLU A 501 -0.15 21.24 12.90
N THR A 502 1.03 21.59 13.41
CA THR A 502 1.97 20.58 13.86
C THR A 502 1.43 19.84 15.08
N ALA A 503 0.78 20.56 16.00
CA ALA A 503 0.19 19.90 17.16
C ALA A 503 -1.03 19.07 16.80
N CYS A 504 -1.81 19.51 15.81
CA CYS A 504 -2.99 18.75 15.40
C CYS A 504 -2.60 17.44 14.74
N LEU A 505 -1.51 17.45 13.96
CA LEU A 505 -1.02 16.20 13.40
C LEU A 505 -0.52 15.26 14.49
N GLY A 506 0.15 15.81 15.52
CA GLY A 506 0.56 15.00 16.64
C GLY A 506 -0.63 14.42 17.39
N LYS A 507 -1.71 15.20 17.49
CA LYS A 507 -2.94 14.70 18.10
C LYS A 507 -3.52 13.54 17.31
N ALA A 508 -3.40 13.60 15.97
CA ALA A 508 -3.90 12.51 15.14
C ALA A 508 -3.13 11.22 15.38
N TYR A 509 -1.79 11.31 15.50
CA TYR A 509 -0.99 10.13 15.81
C TYR A 509 -1.32 9.60 17.21
N ALA A 510 -1.53 10.52 18.16
CA ALA A 510 -1.86 10.10 19.52
C ALA A 510 -3.18 9.35 19.56
N GLN A 511 -4.19 9.83 18.83
CA GLN A 511 -5.49 9.16 18.84
C GLN A 511 -5.47 7.87 18.02
N MET A 512 -4.62 7.79 17.00
CA MET A 512 -4.44 6.52 16.30
C MET A 512 -3.83 5.48 17.23
N TRP A 513 -2.86 5.89 18.06
CA TRP A 513 -2.31 4.99 19.06
C TRP A 513 -3.37 4.57 20.07
N ALA A 514 -4.25 5.50 20.47
CA ALA A 514 -5.30 5.17 21.42
C ALA A 514 -6.29 4.17 20.83
N LEU A 515 -6.45 4.16 19.50
CA LEU A 515 -7.41 3.27 18.85
C LEU A 515 -6.79 1.96 18.39
N MET A 516 -5.58 2.01 17.83
CA MET A 516 -4.95 0.82 17.26
C MET A 516 -3.89 0.20 18.16
N TYR A 517 -3.16 1.01 18.92
CA TYR A 517 -2.00 0.54 19.68
C TYR A 517 -2.13 0.87 21.17
N PHE A 518 -3.37 0.91 21.67
CA PHE A 518 -3.63 1.14 23.09
C PHE A 518 -2.93 0.12 23.97
N HIS A 519 -2.69 -1.08 23.45
CA HIS A 519 -2.12 -2.18 24.22
C HIS A 519 -0.62 -2.04 24.45
N ARG A 520 0.01 -1.01 23.91
CA ARG A 520 1.42 -0.72 24.17
C ARG A 520 1.49 0.34 25.27
N ARG A 521 2.17 0.00 26.37
CA ARG A 521 2.20 0.89 27.53
C ARG A 521 2.80 2.24 27.19
N ASP A 522 3.93 2.24 26.48
CA ASP A 522 4.59 3.50 26.13
C ASP A 522 3.71 4.37 25.24
N LEU A 523 2.95 3.75 24.34
CA LEU A 523 2.15 4.52 23.40
C LEU A 523 0.90 5.10 24.04
N ARG A 524 0.25 4.35 24.94
CA ARG A 524 -0.91 4.91 25.62
C ARG A 524 -0.51 6.07 26.54
N LEU A 525 0.64 5.95 27.19
CA LEU A 525 1.15 7.07 27.99
C LEU A 525 1.45 8.26 27.12
N ALA A 526 2.20 8.06 26.03
CA ALA A 526 2.55 9.16 25.15
C ALA A 526 1.30 9.77 24.49
N SER A 527 0.32 8.93 24.15
CA SER A 527 -0.91 9.42 23.55
C SER A 527 -1.66 10.32 24.53
N ASN A 528 -1.74 9.93 25.80
CA ASN A 528 -2.39 10.76 26.80
C ASN A 528 -1.62 12.06 27.04
N ALA A 529 -0.29 12.01 26.95
CA ALA A 529 0.51 13.23 27.14
C ALA A 529 0.33 14.19 25.97
N ILE A 530 0.28 13.66 24.74
CA ILE A 530 0.07 14.51 23.58
C ILE A 530 -1.32 15.13 23.63
N CYS A 531 -2.34 14.33 23.98
CA CYS A 531 -3.70 14.86 24.06
C CYS A 531 -3.85 15.85 25.21
N SER A 532 -3.02 15.72 26.25
CA SER A 532 -3.05 16.67 27.36
C SER A 532 -2.37 17.99 27.00
N ALA A 533 -1.41 17.96 26.08
CA ALA A 533 -0.66 19.15 25.70
C ALA A 533 -1.27 19.90 24.54
N VAL A 534 -2.20 19.30 23.82
CA VAL A 534 -2.84 19.93 22.66
C VAL A 534 -4.23 20.37 23.08
N PRO A 535 -4.67 21.57 22.69
CA PRO A 535 -6.02 22.02 23.05
C PRO A 535 -7.09 21.03 22.63
N VAL A 536 -8.13 20.91 23.45
CA VAL A 536 -9.14 19.87 23.26
C VAL A 536 -9.93 20.11 21.97
N HIS A 537 -10.31 21.36 21.72
CA HIS A 537 -11.17 21.67 20.58
C HIS A 537 -10.44 21.66 19.25
N TRP A 538 -9.11 21.53 19.26
CA TRP A 538 -8.37 21.50 17.99
C TRP A 538 -8.61 20.17 17.29
N VAL A 539 -8.83 20.25 15.98
CA VAL A 539 -9.19 19.09 15.16
C VAL A 539 -7.93 18.54 14.52
N PRO A 540 -7.71 17.22 14.55
CA PRO A 540 -6.53 16.65 13.90
C PRO A 540 -6.53 16.93 12.41
N THR A 541 -5.35 17.27 11.88
CA THR A 541 -5.17 17.60 10.48
C THR A 541 -4.33 16.55 9.78
N SER A 542 -4.40 16.55 8.45
CA SER A 542 -3.62 15.65 7.60
C SER A 542 -3.87 14.19 7.95
N ARG A 543 -3.01 13.29 7.49
CA ARG A 543 -3.16 11.87 7.76
C ARG A 543 -1.89 11.32 8.36
N THR A 544 -2.05 10.29 9.19
CA THR A 544 -0.95 9.65 9.90
C THR A 544 -0.37 8.48 9.12
N THR A 545 -1.22 7.67 8.51
CA THR A 545 -0.82 6.39 7.95
C THR A 545 -0.56 6.43 6.45
N TRP A 546 -1.34 7.21 5.69
CA TRP A 546 -1.29 7.24 4.22
C TRP A 546 -1.53 5.86 3.62
N SER A 547 -2.03 4.92 4.41
CA SER A 547 -2.13 3.52 3.98
C SER A 547 -3.56 3.15 3.65
N ILE A 548 -3.69 1.96 3.05
CA ILE A 548 -4.98 1.51 2.52
C ILE A 548 -5.89 1.06 3.65
N HIS A 549 -5.33 0.41 4.66
CA HIS A 549 -6.11 -0.21 5.73
C HIS A 549 -6.50 0.75 6.84
N ALA A 550 -6.18 2.03 6.71
CA ALA A 550 -6.50 3.02 7.73
C ALA A 550 -7.89 3.57 7.47
N HIS A 551 -8.82 3.30 8.39
CA HIS A 551 -10.16 3.90 8.33
C HIS A 551 -10.20 5.28 8.98
N HIS A 552 -9.12 5.68 9.66
CA HIS A 552 -8.97 7.03 10.21
C HIS A 552 -10.09 7.39 11.17
N GLN A 553 -10.50 6.41 12.00
CA GLN A 553 -11.48 6.70 13.04
C GLN A 553 -10.92 7.61 14.13
N TRP A 554 -9.62 7.91 14.11
CA TRP A 554 -8.99 8.76 15.11
C TRP A 554 -9.01 10.23 14.74
N MET A 555 -9.43 10.58 13.52
CA MET A 555 -9.52 11.99 13.13
C MET A 555 -10.66 12.70 13.84
N THR A 556 -11.65 11.97 14.32
CA THR A 556 -12.74 12.59 15.05
C THR A 556 -12.25 13.18 16.37
N THR A 557 -13.04 14.09 16.91
CA THR A 557 -12.81 14.63 18.25
C THR A 557 -13.77 14.03 19.27
N GLU A 558 -14.49 12.98 18.92
CA GLU A 558 -15.27 12.25 19.90
C GLU A 558 -14.33 11.63 20.94
N ASP A 559 -14.88 11.40 22.13
CA ASP A 559 -14.13 10.78 23.22
C ASP A 559 -13.45 9.51 22.73
N MET A 560 -12.14 9.41 22.97
CA MET A 560 -11.39 8.27 22.46
C MET A 560 -11.95 6.96 22.99
N LEU A 561 -12.40 6.94 24.24
CA LEU A 561 -13.01 5.74 24.79
C LEU A 561 -14.32 5.41 24.09
N THR A 562 -15.06 6.42 23.65
CA THR A 562 -16.30 6.17 22.91
C THR A 562 -16.01 5.60 21.53
N VAL A 563 -15.05 6.21 20.83
CA VAL A 563 -14.63 5.67 19.53
C VAL A 563 -14.06 4.27 19.69
N TRP A 564 -13.33 4.04 20.79
CA TRP A 564 -12.79 2.71 21.05
C TRP A 564 -13.89 1.67 21.18
N ASN A 565 -14.93 1.99 21.97
CA ASN A 565 -16.04 1.06 22.14
C ASN A 565 -16.77 0.80 20.83
N ARG A 566 -16.82 1.80 19.94
CA ARG A 566 -17.47 1.58 18.65
C ARG A 566 -16.63 0.69 17.75
N VAL A 567 -15.31 0.90 17.72
CA VAL A 567 -14.46 0.13 16.83
C VAL A 567 -14.30 -1.30 17.33
N TRP A 568 -14.02 -1.46 18.63
CA TRP A 568 -13.61 -2.74 19.16
C TRP A 568 -14.74 -3.57 19.76
N ILE A 569 -15.88 -2.95 20.07
CA ILE A 569 -17.00 -3.67 20.64
C ILE A 569 -18.19 -3.58 19.70
N GLU A 570 -18.70 -2.36 19.50
CA GLU A 570 -19.98 -2.17 18.83
C GLU A 570 -19.95 -2.71 17.39
N ASP A 571 -19.03 -2.19 16.57
CA ASP A 571 -18.97 -2.56 15.16
C ASP A 571 -18.12 -3.81 14.91
N ASN A 572 -17.52 -4.38 15.94
CA ASN A 572 -16.63 -5.53 15.79
C ASN A 572 -17.43 -6.80 15.54
N PRO A 573 -17.41 -7.35 14.32
CA PRO A 573 -18.20 -8.57 14.06
C PRO A 573 -17.70 -9.79 14.81
N TRP A 574 -16.46 -9.79 15.29
CA TRP A 574 -15.93 -10.90 16.07
C TRP A 574 -16.13 -10.73 17.57
N MET A 575 -16.92 -9.73 17.98
CA MET A 575 -17.24 -9.48 19.37
C MET A 575 -18.76 -9.67 19.52
N GLU A 576 -19.16 -10.81 20.08
CA GLU A 576 -20.59 -11.09 20.21
C GLU A 576 -21.19 -10.38 21.42
N ASP A 577 -20.42 -10.27 22.50
CA ASP A 577 -20.87 -9.53 23.69
C ASP A 577 -20.65 -8.04 23.44
N LYS A 578 -21.74 -7.30 23.27
CA LYS A 578 -21.68 -5.87 22.98
C LYS A 578 -21.63 -5.02 24.25
N THR A 579 -21.36 -5.62 25.40
CA THR A 579 -21.25 -4.86 26.64
C THR A 579 -20.12 -3.83 26.52
N PRO A 580 -20.40 -2.55 26.70
CA PRO A 580 -19.36 -1.53 26.49
C PRO A 580 -18.37 -1.48 27.64
N VAL A 581 -17.18 -0.96 27.32
CA VAL A 581 -16.13 -0.72 28.30
C VAL A 581 -16.29 0.70 28.82
N THR A 582 -16.32 0.85 30.15
CA THR A 582 -16.62 2.13 30.77
C THR A 582 -15.38 2.91 31.21
N THR A 583 -14.21 2.29 31.20
CA THR A 583 -12.99 2.98 31.62
C THR A 583 -11.79 2.40 30.89
N TRP A 584 -10.80 3.26 30.64
CA TRP A 584 -9.56 2.81 30.02
C TRP A 584 -8.84 1.76 30.88
N GLU A 585 -9.11 1.73 32.19
CA GLU A 585 -8.55 0.69 33.04
C GLU A 585 -9.05 -0.70 32.63
N ASP A 586 -10.20 -0.78 31.97
CA ASP A 586 -10.70 -2.04 31.44
C ASP A 586 -10.26 -2.29 30.00
N VAL A 587 -9.39 -1.44 29.46
CA VAL A 587 -8.81 -1.62 28.13
C VAL A 587 -7.44 -2.27 28.31
N PRO A 588 -7.24 -3.52 27.89
CA PRO A 588 -6.06 -4.26 28.30
C PRO A 588 -4.80 -3.86 27.54
N TYR A 589 -3.67 -4.18 28.15
CA TYR A 589 -2.35 -4.07 27.54
C TYR A 589 -1.89 -5.44 27.06
N LEU A 590 -0.85 -5.42 26.22
CA LEU A 590 -0.10 -6.64 25.97
C LEU A 590 0.53 -7.11 27.28
N GLY A 591 0.81 -8.41 27.35
CA GLY A 591 1.62 -8.92 28.43
C GLY A 591 2.93 -8.15 28.49
N LYS A 592 3.44 -7.90 29.70
CA LYS A 592 4.65 -7.11 29.85
C LYS A 592 5.80 -7.71 29.05
N ARG A 593 5.88 -9.04 28.99
CA ARG A 593 6.92 -9.69 28.21
C ARG A 593 6.73 -9.43 26.72
N GLU A 594 5.49 -9.56 26.23
CA GLU A 594 5.22 -9.28 24.82
C GLU A 594 5.47 -7.82 24.47
N ASP A 595 5.06 -6.91 25.37
CA ASP A 595 5.28 -5.49 25.14
C ASP A 595 6.76 -5.19 24.94
N GLN A 596 7.61 -5.75 25.82
CA GLN A 596 9.05 -5.54 25.71
C GLN A 596 9.62 -6.22 24.47
N TRP A 597 9.07 -7.38 24.10
CA TRP A 597 9.53 -8.05 22.88
C TRP A 597 9.28 -7.19 21.64
N CYS A 598 8.23 -6.36 21.66
CA CYS A 598 7.89 -5.52 20.53
C CYS A 598 8.39 -4.09 20.69
N GLY A 599 9.41 -3.87 21.53
CA GLY A 599 10.13 -2.62 21.56
C GLY A 599 9.84 -1.71 22.74
N SER A 600 9.06 -2.16 23.72
CA SER A 600 8.73 -1.29 24.85
C SER A 600 9.95 -0.99 25.69
N LEU A 601 10.05 0.26 26.14
CA LEU A 601 11.12 0.70 27.03
C LEU A 601 10.74 0.55 28.50
N ILE A 602 9.62 -0.11 28.80
CA ILE A 602 9.24 -0.32 30.19
C ILE A 602 10.32 -1.17 30.87
N GLY A 603 10.64 -0.82 32.11
CA GLY A 603 11.73 -1.44 32.83
C GLY A 603 13.01 -0.63 32.82
N LEU A 604 13.18 0.27 31.85
CA LEU A 604 14.35 1.13 31.79
C LEU A 604 14.14 2.38 32.64
N THR A 605 15.22 2.86 33.24
CA THR A 605 15.12 4.01 34.13
C THR A 605 14.86 5.30 33.34
N SER A 606 15.39 5.41 32.13
CA SER A 606 15.10 6.57 31.29
C SER A 606 13.61 6.66 30.95
N ARG A 607 12.94 5.50 30.88
CA ARG A 607 11.49 5.50 30.67
C ARG A 607 10.75 5.86 31.95
N ALA A 608 11.25 5.38 33.10
CA ALA A 608 10.61 5.69 34.37
C ALA A 608 10.75 7.17 34.72
N THR A 609 11.91 7.75 34.44
CA THR A 609 12.09 9.18 34.66
C THR A 609 11.17 9.99 33.76
N TRP A 610 11.06 9.59 32.49
CA TRP A 610 10.20 10.30 31.55
C TRP A 610 8.73 10.20 31.97
N ALA A 611 8.33 9.06 32.52
CA ALA A 611 6.93 8.87 32.91
C ALA A 611 6.58 9.69 34.14
N GLN A 612 7.45 9.69 35.15
CA GLN A 612 7.15 10.40 36.39
C GLN A 612 7.28 11.91 36.26
N ASN A 613 7.90 12.41 35.20
CA ASN A 613 8.05 13.84 34.98
C ASN A 613 7.34 14.29 33.71
N ILE A 614 6.29 13.56 33.32
CA ILE A 614 5.66 13.83 32.03
C ILE A 614 4.81 15.10 32.08
N LEU A 615 4.23 15.45 33.23
CA LEU A 615 3.42 16.65 33.31
C LEU A 615 4.25 17.90 33.10
N THR A 616 5.53 17.87 33.49
CA THR A 616 6.42 18.99 33.23
C THR A 616 6.58 19.23 31.73
N ALA A 617 6.78 18.16 30.97
CA ALA A 617 6.92 18.29 29.52
C ALA A 617 5.60 18.73 28.89
N ILE A 618 4.47 18.25 29.42
CA ILE A 618 3.17 18.67 28.91
C ILE A 618 2.97 20.16 29.12
N GLN A 619 3.34 20.66 30.31
CA GLN A 619 3.16 22.08 30.60
C GLN A 619 4.08 22.95 29.76
N GLN A 620 5.25 22.44 29.39
CA GLN A 620 6.13 23.21 28.50
C GLN A 620 5.50 23.38 27.12
N VAL A 621 4.87 22.33 26.60
CA VAL A 621 4.18 22.45 25.32
C VAL A 621 2.98 23.37 25.45
N ARG A 622 2.24 23.27 26.57
CA ARG A 622 1.10 24.15 26.79
C ARG A 622 1.54 25.60 26.89
N SER A 623 2.69 25.85 27.54
CA SER A 623 3.17 27.21 27.69
C SER A 623 3.48 27.85 26.33
N LEU A 624 4.03 27.06 25.41
CA LEU A 624 4.39 27.60 24.11
C LEU A 624 3.20 27.64 23.15
N ILE A 625 2.20 26.76 23.35
CA ILE A 625 1.03 26.77 22.48
C ILE A 625 0.21 28.03 22.72
N GLY A 626 0.01 28.41 23.99
CA GLY A 626 -0.68 29.64 24.32
C GLY A 626 -1.74 29.40 25.36
N ASN A 627 -2.68 30.34 25.42
CA ASN A 627 -3.78 30.31 26.39
C ASN A 627 -5.02 29.75 25.71
N GLU A 628 -5.14 28.42 25.72
CA GLU A 628 -6.30 27.72 25.17
C GLU A 628 -6.85 26.79 26.25
N GLU A 629 -7.91 26.07 25.89
CA GLU A 629 -8.54 25.12 26.80
C GLU A 629 -7.86 23.77 26.68
N PHE A 630 -7.30 23.27 27.78
CA PHE A 630 -6.64 21.98 27.82
C PHE A 630 -7.39 21.04 28.76
N LEU A 631 -7.14 19.74 28.60
CA LEU A 631 -7.67 18.72 29.48
C LEU A 631 -6.53 17.80 29.91
N ASP A 632 -6.56 17.39 31.17
CA ASP A 632 -5.55 16.49 31.71
C ASP A 632 -5.99 15.06 31.49
N TYR A 633 -5.25 14.33 30.65
CA TYR A 633 -5.59 12.96 30.30
C TYR A 633 -4.75 11.92 31.04
N MET A 634 -3.70 12.33 31.73
CA MET A 634 -2.80 11.39 32.40
C MET A 634 -3.51 10.66 33.54
ZN ZN B . -3.70 9.84 -22.62
ZN ZN C . 3.66 -6.98 18.92
#